data_4BUU
#
_entry.id   4BUU
#
_cell.length_a   91.440
_cell.length_b   98.150
_cell.length_c   118.750
_cell.angle_alpha   90.00
_cell.angle_beta   90.00
_cell.angle_gamma   90.00
#
_symmetry.space_group_name_H-M   'C 2 2 21'
#
loop_
_entity.id
_entity.type
_entity.pdbx_description
1 polymer TANKYRASE-2
2 non-polymer '[4-(4-oxo-3,4-dihydroquinazolin-2- yl)phenyl]methanesulfonamide'
3 non-polymer 'ZINC ION'
4 non-polymer GLYCEROL
5 non-polymer 'SULFATE ION'
6 non-polymer DI(HYDROXYETHYL)ETHER
7 water water
#
_entity_poly.entity_id   1
_entity_poly.type   'polypeptide(L)'
_entity_poly.pdbx_seq_one_letter_code
;MHHHHHHSSGVDLGTENLYFQSMLNTSGSGTILIDLSPDDKEFQSVEEEMQSTVREHRDGGHAGGIFNRYNILKIQKVCN
KKLWERYTHRRKEVSEENHNHANERMLFHGSPFVNAIIHKGFDERHAYIGGMFGAGIYFAENSSKSNQYVYGIGGGTGCP
VHKDRSCYICHRQLLFCRVTLGKSFLQFSAMKMAHSPPGHHSVTGRPSVNGLALAEYVIYRGEQAYPEYLITYQIMRPEG
;
_entity_poly.pdbx_strand_id   A,B
#
loop_
_chem_comp.id
_chem_comp.type
_chem_comp.name
_chem_comp.formula
F38 non-polymer '[4-(4-oxo-3,4-dihydroquinazolin-2- yl)phenyl]methanesulfonamide' 'C15 H13 N3 O3 S'
GOL non-polymer GLYCEROL 'C3 H8 O3'
PEG non-polymer DI(HYDROXYETHYL)ETHER 'C4 H10 O3'
SO4 non-polymer 'SULFATE ION' 'O4 S -2'
ZN non-polymer 'ZINC ION' 'Zn 2'
#
# COMPACT_ATOMS: atom_id res chain seq x y z
N SER A 29 -0.85 -11.83 -35.89
CA SER A 29 -1.16 -10.66 -35.00
C SER A 29 -1.14 -9.31 -35.74
N GLY A 30 -0.20 -9.19 -36.68
CA GLY A 30 0.02 -7.93 -37.36
C GLY A 30 1.12 -7.11 -36.70
N THR A 31 1.72 -7.62 -35.61
CA THR A 31 2.80 -6.89 -34.97
C THR A 31 4.16 -7.19 -35.56
N ILE A 32 4.87 -6.10 -35.88
CA ILE A 32 6.26 -6.12 -36.29
C ILE A 32 7.08 -5.40 -35.21
N LEU A 33 8.25 -5.93 -34.88
CA LEU A 33 9.16 -5.30 -33.93
C LEU A 33 10.37 -4.78 -34.67
N ILE A 34 10.65 -3.49 -34.55
CA ILE A 34 11.79 -2.88 -35.22
C ILE A 34 12.83 -2.53 -34.16
N ASP A 35 14.02 -3.10 -34.29
CA ASP A 35 15.14 -2.84 -33.39
C ASP A 35 15.63 -1.44 -33.55
N LEU A 36 15.81 -0.73 -32.45
CA LEU A 36 16.46 0.57 -32.51
C LEU A 36 17.95 0.44 -32.31
N SER A 37 18.71 1.20 -33.07
CA SER A 37 20.14 1.27 -32.84
C SER A 37 20.44 2.06 -31.56
N PRO A 38 21.44 1.64 -30.79
CA PRO A 38 21.82 2.48 -29.64
C PRO A 38 22.35 3.87 -30.00
N ASP A 39 22.69 4.09 -31.27
CA ASP A 39 23.08 5.41 -31.76
C ASP A 39 21.88 6.30 -32.08
N ASP A 40 20.68 5.72 -32.10
CA ASP A 40 19.46 6.44 -32.46
C ASP A 40 19.02 7.29 -31.27
N LYS A 41 18.68 8.55 -31.53
CA LYS A 41 18.20 9.46 -30.47
C LYS A 41 17.01 8.88 -29.73
N GLU A 42 16.19 8.11 -30.44
CA GLU A 42 15.00 7.52 -29.87
C GLU A 42 15.36 6.41 -28.88
N PHE A 43 16.35 5.59 -29.21
CA PHE A 43 16.88 4.62 -28.24
C PHE A 43 17.37 5.34 -26.99
N GLN A 44 18.22 6.36 -27.20
CA GLN A 44 18.82 7.07 -26.10
C GLN A 44 17.79 7.77 -25.17
N SER A 45 16.74 8.36 -25.71
CA SER A 45 15.75 9.03 -24.87
C SER A 45 14.89 8.01 -24.10
N VAL A 46 14.59 6.88 -24.70
CA VAL A 46 13.86 5.80 -23.98
C VAL A 46 14.74 5.20 -22.88
N GLU A 47 16.00 4.90 -23.19
CA GLU A 47 16.92 4.42 -22.16
C GLU A 47 17.01 5.42 -21.00
N GLU A 48 17.16 6.70 -21.30
CA GLU A 48 17.30 7.71 -20.25
C GLU A 48 16.06 7.76 -19.35
N GLU A 49 14.87 7.55 -19.92
CA GLU A 49 13.65 7.52 -19.09
C GLU A 49 13.63 6.28 -18.21
N MET A 50 14.07 5.16 -18.76
CA MET A 50 14.19 3.93 -17.98
C MET A 50 15.14 4.11 -16.78
N GLN A 51 16.34 4.61 -17.04
CA GLN A 51 17.40 4.66 -16.04
C GLN A 51 17.08 5.73 -14.99
N SER A 52 16.59 6.87 -15.44
CA SER A 52 16.45 8.05 -14.56
C SER A 52 15.24 7.95 -13.61
N THR A 53 14.37 6.98 -13.83
CA THR A 53 13.17 6.79 -13.01
C THR A 53 13.25 5.56 -12.13
N VAL A 54 14.44 5.00 -11.96
CA VAL A 54 14.70 4.03 -10.90
C VAL A 54 14.66 4.74 -9.53
N ARG A 55 14.02 4.10 -8.56
CA ARG A 55 14.06 4.54 -7.17
C ARG A 55 14.19 3.33 -6.26
N GLU A 56 14.48 3.59 -4.98
CA GLU A 56 14.40 2.55 -3.96
C GLU A 56 12.94 2.29 -3.60
N HIS A 57 12.66 1.05 -3.23
CA HIS A 57 11.31 0.61 -2.90
C HIS A 57 11.22 0.22 -1.43
N ARG A 58 10.02 0.41 -0.87
CA ARG A 58 9.79 0.23 0.57
C ARG A 58 9.96 -1.23 1.00
N ASP A 59 9.94 -2.14 0.03
CA ASP A 59 10.16 -3.56 0.30
C ASP A 59 11.63 -4.01 0.33
N GLY A 60 12.55 -3.06 0.26
CA GLY A 60 13.98 -3.34 0.31
C GLY A 60 14.48 -4.14 -0.88
N GLY A 61 13.69 -4.22 -1.94
CA GLY A 61 14.00 -5.04 -3.10
C GLY A 61 13.33 -6.40 -3.18
N HIS A 62 12.44 -6.72 -2.26
CA HIS A 62 11.82 -8.03 -2.20
C HIS A 62 11.16 -8.45 -3.52
N ALA A 63 10.37 -7.55 -4.10
CA ALA A 63 9.56 -7.89 -5.27
C ALA A 63 10.36 -7.81 -6.54
N GLY A 64 11.10 -6.73 -6.71
CA GLY A 64 11.77 -6.45 -7.99
C GLY A 64 13.26 -6.67 -8.03
N GLY A 65 13.87 -6.89 -6.87
CA GLY A 65 15.33 -7.03 -6.80
C GLY A 65 16.05 -5.80 -6.29
N ILE A 66 17.34 -5.97 -5.99
CA ILE A 66 18.17 -4.90 -5.49
C ILE A 66 19.05 -4.36 -6.64
N PHE A 67 18.84 -3.11 -6.98
CA PHE A 67 19.57 -2.47 -8.06
C PHE A 67 19.35 -0.96 -8.07
N ASN A 68 20.30 -0.24 -8.66
CA ASN A 68 20.20 1.21 -8.88
C ASN A 68 20.08 1.60 -10.35
N ARG A 69 20.31 0.64 -11.25
CA ARG A 69 20.35 0.89 -12.68
C ARG A 69 20.22 -0.43 -13.42
N TYR A 70 20.02 -0.33 -14.74
CA TYR A 70 19.82 -1.50 -15.59
C TYR A 70 20.92 -1.59 -16.63
N ASN A 71 21.06 -2.81 -17.16
CA ASN A 71 21.79 -3.01 -18.39
C ASN A 71 20.75 -3.18 -19.49
N ILE A 72 20.60 -2.17 -20.34
CA ILE A 72 19.64 -2.24 -21.43
C ILE A 72 20.27 -3.08 -22.53
N LEU A 73 19.55 -4.12 -22.93
CA LEU A 73 20.05 -5.07 -23.95
C LEU A 73 19.45 -4.78 -25.35
N LYS A 74 18.20 -4.37 -25.38
CA LYS A 74 17.49 -4.11 -26.65
C LYS A 74 16.32 -3.16 -26.41
N ILE A 75 16.06 -2.28 -27.37
CA ILE A 75 14.81 -1.52 -27.39
C ILE A 75 14.21 -1.68 -28.75
N GLN A 76 12.97 -2.18 -28.79
CA GLN A 76 12.24 -2.41 -30.03
C GLN A 76 11.01 -1.54 -30.11
N LYS A 77 10.76 -0.95 -31.27
CA LYS A 77 9.50 -0.27 -31.53
C LYS A 77 8.45 -1.29 -31.93
N VAL A 78 7.28 -1.19 -31.31
CA VAL A 78 6.17 -2.10 -31.54
C VAL A 78 5.26 -1.48 -32.57
N CYS A 79 5.11 -2.16 -33.70
CA CYS A 79 4.36 -1.60 -34.84
C CYS A 79 3.20 -2.49 -35.20
N ASN A 80 1.98 -2.02 -34.92
CA ASN A 80 0.77 -2.75 -35.27
C ASN A 80 -0.30 -1.76 -35.65
N LYS A 81 -0.68 -1.77 -36.92
CA LYS A 81 -1.64 -0.82 -37.47
C LYS A 81 -3.01 -0.88 -36.78
N LYS A 82 -3.59 -2.07 -36.64
CA LYS A 82 -4.88 -2.21 -36.00
C LYS A 82 -4.87 -1.69 -34.56
N LEU A 83 -3.85 -2.08 -33.79
CA LEU A 83 -3.77 -1.67 -32.38
C LEU A 83 -3.58 -0.16 -32.27
N TRP A 84 -2.79 0.42 -33.16
CA TRP A 84 -2.57 1.87 -33.16
C TRP A 84 -3.85 2.62 -33.48
N GLU A 85 -4.60 2.14 -34.47
CA GLU A 85 -5.84 2.80 -34.85
C GLU A 85 -6.89 2.66 -33.75
N ARG A 86 -6.91 1.52 -33.05
CA ARG A 86 -7.74 1.31 -31.86
C ARG A 86 -7.42 2.38 -30.79
N TYR A 87 -6.13 2.57 -30.54
CA TYR A 87 -5.67 3.60 -29.61
C TYR A 87 -6.07 5.03 -30.02
N THR A 88 -5.81 5.41 -31.27
CA THR A 88 -6.05 6.79 -31.69
C THR A 88 -7.53 7.08 -31.77
N HIS A 89 -8.34 6.06 -32.10
CA HIS A 89 -9.79 6.20 -32.08
C HIS A 89 -10.30 6.56 -30.69
N ARG A 90 -9.85 5.82 -29.68
CA ARG A 90 -10.25 6.06 -28.31
C ARG A 90 -9.65 7.40 -27.82
N ARG A 91 -8.44 7.71 -28.24
CA ARG A 91 -7.79 8.97 -27.84
C ARG A 91 -8.64 10.17 -28.28
N LYS A 92 -9.17 10.11 -29.49
CA LYS A 92 -10.02 11.17 -30.03
C LYS A 92 -11.31 11.28 -29.24
N GLU A 93 -11.91 10.15 -28.92
CA GLU A 93 -13.11 10.15 -28.09
C GLU A 93 -12.86 10.86 -26.75
N VAL A 94 -11.76 10.49 -26.09
CA VAL A 94 -11.43 11.10 -24.79
C VAL A 94 -11.15 12.60 -24.94
N SER A 95 -10.34 12.96 -25.93
CA SER A 95 -10.01 14.35 -26.22
CA SER A 95 -10.02 14.36 -26.18
CA SER A 95 -10.02 14.36 -26.13
C SER A 95 -11.27 15.20 -26.35
N GLU A 96 -12.22 14.69 -27.15
CA GLU A 96 -13.45 15.43 -27.37
C GLU A 96 -14.32 15.57 -26.13
N GLU A 97 -14.15 14.67 -25.17
CA GLU A 97 -14.83 14.75 -23.87
C GLU A 97 -14.08 15.62 -22.84
N ASN A 98 -12.95 16.19 -23.22
CA ASN A 98 -12.06 16.86 -22.27
C ASN A 98 -11.40 18.05 -22.94
N HIS A 99 -12.22 18.96 -23.48
CA HIS A 99 -11.72 20.19 -24.13
C HIS A 99 -10.47 19.97 -25.01
N ASN A 100 -10.57 18.96 -25.88
CA ASN A 100 -9.54 18.63 -26.87
C ASN A 100 -8.20 18.37 -26.22
N HIS A 101 -8.23 17.67 -25.10
CA HIS A 101 -7.02 17.35 -24.33
C HIS A 101 -7.07 15.87 -23.94
N ALA A 102 -6.26 15.07 -24.64
CA ALA A 102 -6.15 13.64 -24.32
C ALA A 102 -5.41 13.37 -23.04
N ASN A 103 -4.56 14.31 -22.60
CA ASN A 103 -3.72 14.13 -21.41
C ASN A 103 -2.91 12.83 -21.56
N GLU A 104 -2.14 12.79 -22.65
CA GLU A 104 -1.36 11.63 -23.00
C GLU A 104 0.00 11.65 -22.33
N ARG A 105 0.35 10.49 -21.77
CA ARG A 105 1.63 10.32 -21.09
C ARG A 105 2.39 9.13 -21.68
N MET A 106 3.69 9.06 -21.42
CA MET A 106 4.48 7.86 -21.69
C MET A 106 4.84 7.24 -20.34
N LEU A 107 4.41 5.98 -20.15
CA LEU A 107 4.45 5.34 -18.84
C LEU A 107 4.91 3.89 -18.98
N PHE A 108 5.45 3.36 -17.90
CA PHE A 108 5.93 1.98 -17.88
C PHE A 108 4.84 1.00 -17.49
N HIS A 109 4.94 -0.21 -18.05
CA HIS A 109 4.11 -1.35 -17.67
C HIS A 109 4.95 -2.61 -17.63
N GLY A 110 4.87 -3.33 -16.52
CA GLY A 110 5.53 -4.63 -16.37
C GLY A 110 4.47 -5.68 -16.13
N SER A 111 4.63 -6.85 -16.75
CA SER A 111 3.60 -7.89 -16.66
C SER A 111 4.19 -9.20 -17.17
N PRO A 112 3.78 -10.34 -16.59
CA PRO A 112 4.11 -11.62 -17.21
C PRO A 112 3.53 -11.76 -18.62
N PHE A 113 2.57 -10.92 -18.99
CA PHE A 113 1.89 -11.06 -20.28
C PHE A 113 2.35 -10.07 -21.37
N VAL A 114 3.55 -9.49 -21.18
CA VAL A 114 4.13 -8.55 -22.11
C VAL A 114 4.09 -9.04 -23.57
N ASN A 115 4.45 -10.31 -23.79
CA ASN A 115 4.49 -10.81 -25.15
C ASN A 115 3.08 -11.00 -25.75
N ALA A 116 2.07 -11.29 -24.93
CA ALA A 116 0.67 -11.22 -25.39
C ALA A 116 0.18 -9.79 -25.72
N ILE A 117 0.55 -8.83 -24.88
CA ILE A 117 0.12 -7.45 -25.07
C ILE A 117 0.62 -6.86 -26.38
N ILE A 118 1.87 -7.13 -26.75
CA ILE A 118 2.40 -6.53 -27.95
C ILE A 118 1.75 -7.09 -29.21
N HIS A 119 1.21 -8.31 -29.13
CA HIS A 119 0.54 -8.92 -30.27
C HIS A 119 -0.96 -8.67 -30.35
N LYS A 120 -1.62 -8.64 -29.20
CA LYS A 120 -3.09 -8.56 -29.11
C LYS A 120 -3.64 -7.27 -28.55
N GLY A 121 -2.78 -6.47 -27.94
CA GLY A 121 -3.22 -5.25 -27.28
C GLY A 121 -3.59 -5.46 -25.84
N PHE A 122 -3.70 -4.36 -25.10
CA PHE A 122 -4.22 -4.41 -23.74
C PHE A 122 -5.71 -4.72 -23.72
N ASP A 123 -6.13 -5.52 -22.75
CA ASP A 123 -7.54 -5.77 -22.49
C ASP A 123 -7.75 -6.25 -21.05
N GLU A 124 -9.00 -6.56 -20.69
CA GLU A 124 -9.34 -6.98 -19.32
C GLU A 124 -8.48 -8.09 -18.70
N ARG A 125 -7.91 -8.96 -19.53
CA ARG A 125 -7.00 -10.00 -19.05
C ARG A 125 -5.70 -9.46 -18.47
N HIS A 126 -5.39 -8.20 -18.78
CA HIS A 126 -4.14 -7.57 -18.32
C HIS A 126 -4.31 -6.66 -17.14
N ALA A 127 -5.54 -6.60 -16.61
CA ALA A 127 -5.88 -5.80 -15.44
C ALA A 127 -5.37 -6.42 -14.15
N TYR A 128 -4.99 -5.56 -13.22
CA TYR A 128 -4.66 -5.95 -11.86
C TYR A 128 -5.95 -5.95 -11.02
N ILE A 129 -6.53 -7.13 -10.86
CA ILE A 129 -7.84 -7.27 -10.23
C ILE A 129 -7.80 -6.76 -8.79
N GLY A 130 -6.72 -7.05 -8.09
CA GLY A 130 -6.57 -6.61 -6.70
C GLY A 130 -5.82 -5.30 -6.48
N GLY A 131 -5.70 -4.46 -7.50
CA GLY A 131 -5.05 -3.18 -7.33
C GLY A 131 -5.79 -2.25 -6.40
N MET A 132 -5.06 -1.31 -5.81
CA MET A 132 -5.62 -0.43 -4.77
C MET A 132 -6.60 0.59 -5.30
N PHE A 133 -6.64 0.76 -6.63
CA PHE A 133 -7.62 1.63 -7.27
C PHE A 133 -8.60 0.82 -8.13
N GLY A 134 -8.79 -0.43 -7.77
CA GLY A 134 -9.74 -1.28 -8.45
C GLY A 134 -9.15 -2.00 -9.64
N ALA A 135 -9.97 -2.85 -10.26
CA ALA A 135 -9.55 -3.69 -11.34
C ALA A 135 -9.40 -2.85 -12.59
N GLY A 136 -8.17 -2.50 -12.93
CA GLY A 136 -7.89 -1.75 -14.15
C GLY A 136 -6.47 -2.11 -14.52
N ILE A 137 -5.97 -1.45 -15.55
CA ILE A 137 -4.62 -1.68 -16.06
C ILE A 137 -3.75 -0.55 -15.50
N TYR A 138 -2.66 -0.94 -14.84
CA TYR A 138 -1.82 -0.06 -14.02
C TYR A 138 -0.52 0.26 -14.77
N PHE A 139 -0.09 1.51 -14.65
CA PHE A 139 1.14 2.03 -15.26
C PHE A 139 1.88 2.89 -14.26
N ALA A 140 3.18 3.01 -14.43
CA ALA A 140 4.03 3.71 -13.48
C ALA A 140 4.95 4.71 -14.18
N GLU A 141 5.17 5.84 -13.51
CA GLU A 141 6.23 6.77 -13.90
C GLU A 141 7.61 6.20 -13.56
N ASN A 142 7.74 5.49 -12.43
CA ASN A 142 8.98 4.84 -12.04
C ASN A 142 9.13 3.51 -12.77
N SER A 143 10.12 3.39 -13.64
CA SER A 143 10.38 2.10 -14.24
C SER A 143 10.58 0.99 -13.21
N SER A 144 11.21 1.30 -12.07
CA SER A 144 11.47 0.30 -11.04
C SER A 144 10.18 -0.21 -10.39
N LYS A 145 9.13 0.61 -10.40
CA LYS A 145 7.83 0.16 -9.93
C LYS A 145 7.27 -0.91 -10.88
N SER A 146 7.26 -0.64 -12.18
CA SER A 146 6.84 -1.66 -13.15
C SER A 146 7.73 -2.93 -13.12
N ASN A 147 9.01 -2.78 -12.85
CA ASN A 147 9.93 -3.92 -12.73
C ASN A 147 9.48 -4.90 -11.65
N GLN A 148 8.79 -4.39 -10.63
CA GLN A 148 8.27 -5.28 -9.58
C GLN A 148 7.21 -6.26 -10.06
N TYR A 149 6.68 -6.10 -11.28
CA TYR A 149 5.58 -6.91 -11.79
C TYR A 149 5.94 -7.80 -12.96
N VAL A 150 7.20 -7.75 -13.38
CA VAL A 150 7.69 -8.51 -14.55
C VAL A 150 7.47 -10.03 -14.35
N TYR A 151 7.65 -10.50 -13.13
CA TYR A 151 7.46 -11.91 -12.79
C TYR A 151 6.17 -12.16 -12.02
N GLY A 152 5.25 -11.19 -12.06
CA GLY A 152 3.94 -11.32 -11.44
C GLY A 152 3.78 -10.37 -10.26
N ILE A 153 2.60 -10.42 -9.65
CA ILE A 153 2.27 -9.59 -8.49
C ILE A 153 3.26 -9.91 -7.38
N GLY A 154 3.85 -8.89 -6.77
CA GLY A 154 4.81 -9.10 -5.71
C GLY A 154 6.11 -9.74 -6.20
N GLY A 155 6.31 -9.77 -7.51
CA GLY A 155 7.46 -10.44 -8.10
C GLY A 155 7.27 -11.94 -8.24
N GLY A 156 6.09 -12.44 -7.87
CA GLY A 156 5.80 -13.89 -7.96
C GLY A 156 6.87 -14.72 -7.31
N THR A 157 7.32 -15.77 -8.00
CA THR A 157 8.44 -16.55 -7.49
C THR A 157 9.76 -16.19 -8.16
N GLY A 158 9.83 -15.01 -8.79
CA GLY A 158 11.05 -14.58 -9.44
C GLY A 158 11.23 -15.24 -10.80
N CYS A 159 12.44 -15.20 -11.31
CA CYS A 159 12.69 -15.63 -12.69
C CYS A 159 12.35 -17.11 -12.82
N PRO A 160 11.89 -17.55 -14.00
CA PRO A 160 11.53 -18.97 -14.14
C PRO A 160 12.73 -19.93 -14.01
N VAL A 161 13.92 -19.46 -14.38
CA VAL A 161 15.10 -20.34 -14.41
C VAL A 161 15.71 -20.57 -13.02
N HIS A 162 15.89 -19.50 -12.26
CA HIS A 162 16.54 -19.56 -10.95
C HIS A 162 15.62 -19.30 -9.76
N LYS A 163 14.34 -18.99 -9.98
CA LYS A 163 13.39 -18.66 -8.90
C LYS A 163 13.92 -17.51 -8.02
N ASP A 164 14.46 -16.49 -8.66
CA ASP A 164 15.12 -15.41 -7.95
C ASP A 164 14.50 -14.09 -8.38
N ARG A 165 13.77 -13.45 -7.47
CA ARG A 165 13.22 -12.12 -7.76
C ARG A 165 14.27 -11.04 -8.01
N SER A 166 15.50 -11.22 -7.52
CA SER A 166 16.59 -10.32 -7.75
C SER A 166 17.59 -10.90 -8.77
N CYS A 167 17.13 -11.75 -9.68
CA CYS A 167 18.07 -12.35 -10.64
C CYS A 167 18.78 -11.29 -11.46
N TYR A 168 20.10 -11.38 -11.55
CA TYR A 168 20.96 -10.44 -12.32
C TYR A 168 21.37 -11.04 -13.67
N ILE A 169 20.93 -12.27 -13.90
CA ILE A 169 21.29 -13.03 -15.10
C ILE A 169 20.20 -12.98 -16.18
N CYS A 170 18.98 -13.33 -15.78
CA CYS A 170 17.88 -13.52 -16.71
C CYS A 170 17.40 -12.19 -17.30
N HIS A 171 17.00 -12.27 -18.56
CA HIS A 171 16.52 -11.10 -19.32
C HIS A 171 15.09 -10.81 -18.96
N ARG A 172 14.84 -9.55 -18.64
CA ARG A 172 13.54 -9.06 -18.30
C ARG A 172 13.03 -8.19 -19.41
N GLN A 173 11.71 -8.03 -19.48
CA GLN A 173 11.11 -7.09 -20.41
C GLN A 173 10.07 -6.16 -19.76
N LEU A 174 10.12 -4.89 -20.14
CA LEU A 174 9.13 -3.87 -19.78
C LEU A 174 8.56 -3.25 -21.06
N LEU A 175 7.35 -2.72 -20.96
CA LEU A 175 6.77 -1.88 -22.00
C LEU A 175 6.83 -0.41 -21.59
N PHE A 176 7.16 0.45 -22.55
CA PHE A 176 7.06 1.89 -22.37
C PHE A 176 5.95 2.31 -23.31
N CYS A 177 4.86 2.76 -22.72
CA CYS A 177 3.57 2.83 -23.36
C CYS A 177 3.02 4.24 -23.46
N ARG A 178 2.30 4.48 -24.54
CA ARG A 178 1.56 5.71 -24.74
C ARG A 178 0.18 5.53 -24.13
N VAL A 179 -0.15 6.38 -23.15
CA VAL A 179 -1.37 6.22 -22.36
C VAL A 179 -2.21 7.47 -22.35
N THR A 180 -3.50 7.32 -22.66
CA THR A 180 -4.45 8.44 -22.62
C THR A 180 -5.12 8.47 -21.24
N LEU A 181 -4.91 9.56 -20.48
CA LEU A 181 -5.48 9.68 -19.14
C LEU A 181 -6.79 10.45 -19.13
N GLY A 182 -6.97 11.33 -20.11
CA GLY A 182 -8.10 12.24 -20.08
C GLY A 182 -8.19 12.98 -18.78
N LYS A 183 -9.42 13.12 -18.29
CA LYS A 183 -9.67 13.69 -16.98
C LYS A 183 -9.44 12.61 -15.94
N SER A 184 -8.42 12.78 -15.11
CA SER A 184 -8.00 11.74 -14.21
C SER A 184 -8.43 12.04 -12.79
N PHE A 185 -9.04 11.07 -12.14
CA PHE A 185 -9.44 11.19 -10.74
C PHE A 185 -8.21 11.12 -9.83
N LEU A 186 -8.00 12.14 -9.01
CA LEU A 186 -6.84 12.22 -8.14
C LEU A 186 -7.10 11.52 -6.80
N GLN A 187 -6.32 10.49 -6.52
CA GLN A 187 -6.36 9.78 -5.23
CA GLN A 187 -6.38 9.77 -5.26
C GLN A 187 -5.08 10.01 -4.51
N PHE A 188 -5.16 10.62 -3.33
CA PHE A 188 -4.00 10.79 -2.49
C PHE A 188 -3.88 9.42 -1.78
N SER A 189 -2.71 8.79 -1.80
CA SER A 189 -2.58 7.48 -1.13
C SER A 189 -1.18 7.23 -0.62
N ALA A 190 -1.11 6.38 0.42
CA ALA A 190 0.16 5.95 1.00
C ALA A 190 0.72 4.78 0.20
N MET A 193 -12.97 -6.07 -15.19
CA MET A 193 -12.44 -4.71 -15.12
C MET A 193 -13.53 -3.72 -14.63
N ALA A 194 -13.16 -2.85 -13.70
CA ALA A 194 -14.07 -1.85 -13.14
C ALA A 194 -14.31 -0.70 -14.12
N HIS A 195 -15.19 0.23 -13.75
CA HIS A 195 -15.40 1.46 -14.52
C HIS A 195 -14.57 2.57 -13.88
N SER A 196 -14.12 3.53 -14.69
CA SER A 196 -13.46 4.71 -14.14
C SER A 196 -14.52 5.47 -13.35
N PRO A 197 -14.09 6.28 -12.38
CA PRO A 197 -15.07 7.05 -11.63
C PRO A 197 -15.90 7.90 -12.57
N PRO A 198 -17.21 8.04 -12.28
CA PRO A 198 -18.06 8.88 -13.12
C PRO A 198 -17.45 10.26 -13.42
N GLY A 199 -17.47 10.63 -14.69
CA GLY A 199 -16.96 11.92 -15.15
C GLY A 199 -15.45 11.94 -15.34
N HIS A 200 -14.79 10.76 -15.26
CA HIS A 200 -13.33 10.64 -15.39
C HIS A 200 -12.96 9.53 -16.37
N HIS A 201 -11.74 9.60 -16.91
CA HIS A 201 -11.22 8.59 -17.86
C HIS A 201 -10.12 7.69 -17.30
N SER A 202 -9.67 7.99 -16.08
CA SER A 202 -8.57 7.28 -15.42
C SER A 202 -8.52 7.67 -13.95
N VAL A 203 -7.63 6.99 -13.23
CA VAL A 203 -7.29 7.34 -11.86
C VAL A 203 -5.78 7.58 -11.76
N THR A 204 -5.42 8.61 -11.00
CA THR A 204 -4.03 8.90 -10.65
C THR A 204 -3.82 8.57 -9.17
N GLY A 205 -2.87 7.68 -8.88
CA GLY A 205 -2.46 7.39 -7.52
C GLY A 205 -1.30 8.30 -7.20
N ARG A 206 -1.56 9.35 -6.42
CA ARG A 206 -0.52 10.24 -5.96
C ARG A 206 0.12 9.75 -4.67
N PRO A 207 1.45 9.68 -4.65
CA PRO A 207 2.09 9.31 -3.37
C PRO A 207 1.90 10.37 -2.27
N SER A 208 1.49 9.92 -1.07
CA SER A 208 1.23 10.78 0.11
C SER A 208 2.16 10.53 1.32
N VAL A 209 3.11 9.60 1.19
CA VAL A 209 4.00 9.24 2.30
C VAL A 209 5.47 9.27 1.84
N ASN A 210 5.77 8.46 0.82
CA ASN A 210 7.11 8.40 0.24
C ASN A 210 7.33 9.57 -0.70
N GLY A 211 8.10 10.53 -0.17
CA GLY A 211 8.43 11.71 -0.93
C GLY A 211 9.22 11.48 -2.19
N LEU A 212 9.85 10.30 -2.36
CA LEU A 212 10.60 10.10 -3.62
C LEU A 212 9.80 9.36 -4.70
N ALA A 213 8.66 8.79 -4.33
CA ALA A 213 7.88 8.01 -5.31
C ALA A 213 7.19 8.88 -6.34
N LEU A 214 7.20 8.43 -7.60
CA LEU A 214 6.41 9.05 -8.64
C LEU A 214 5.00 8.45 -8.71
N ALA A 215 4.13 9.13 -9.46
CA ALA A 215 2.73 8.70 -9.59
C ALA A 215 2.59 7.36 -10.33
N GLU A 216 1.45 6.74 -10.08
CA GLU A 216 0.97 5.54 -10.78
C GLU A 216 -0.41 5.86 -11.31
N TYR A 217 -0.82 5.18 -12.37
CA TYR A 217 -2.03 5.52 -13.08
C TYR A 217 -2.78 4.24 -13.44
N VAL A 218 -4.10 4.36 -13.48
CA VAL A 218 -4.96 3.24 -13.88
C VAL A 218 -5.94 3.67 -14.94
N ILE A 219 -6.06 2.84 -15.97
CA ILE A 219 -7.09 2.99 -17.01
C ILE A 219 -7.99 1.76 -16.95
N TYR A 220 -9.20 1.94 -17.43
CA TYR A 220 -10.22 0.89 -17.33
C TYR A 220 -10.71 0.44 -18.70
N ARG A 221 -10.01 0.89 -19.73
CA ARG A 221 -10.26 0.46 -21.11
CA ARG A 221 -10.27 0.47 -21.11
C ARG A 221 -8.91 0.19 -21.75
N GLY A 222 -8.71 -1.02 -22.29
CA GLY A 222 -7.43 -1.36 -22.95
C GLY A 222 -7.06 -0.48 -24.12
N GLU A 223 -8.08 0.14 -24.74
CA GLU A 223 -7.91 0.98 -25.91
C GLU A 223 -7.23 2.28 -25.54
N GLN A 224 -7.12 2.60 -24.24
CA GLN A 224 -6.44 3.84 -23.81
C GLN A 224 -4.94 3.70 -23.63
N ALA A 225 -4.35 2.61 -24.08
CA ALA A 225 -2.89 2.49 -24.05
C ALA A 225 -2.41 1.78 -25.30
N TYR A 226 -1.25 2.20 -25.78
CA TYR A 226 -0.56 1.52 -26.88
C TYR A 226 0.86 1.14 -26.42
N PRO A 227 1.27 -0.13 -26.61
CA PRO A 227 2.56 -0.62 -26.12
C PRO A 227 3.65 -0.24 -27.10
N GLU A 228 4.20 0.94 -26.96
CA GLU A 228 5.02 1.51 -28.02
C GLU A 228 6.45 0.97 -28.10
N TYR A 229 7.07 0.74 -26.96
CA TYR A 229 8.43 0.20 -26.91
C TYR A 229 8.52 -1.02 -26.03
N LEU A 230 9.19 -2.04 -26.56
CA LEU A 230 9.54 -3.22 -25.80
C LEU A 230 11.01 -3.14 -25.42
N ILE A 231 11.27 -3.11 -24.13
CA ILE A 231 12.61 -2.93 -23.60
C ILE A 231 13.07 -4.21 -22.92
N THR A 232 14.19 -4.77 -23.39
CA THR A 232 14.78 -5.96 -22.80
C THR A 232 16.03 -5.54 -22.02
N TYR A 233 16.14 -6.03 -20.80
CA TYR A 233 17.15 -5.53 -19.87
C TYR A 233 17.48 -6.54 -18.78
N GLN A 234 18.59 -6.30 -18.10
CA GLN A 234 18.86 -6.91 -16.81
C GLN A 234 18.94 -5.84 -15.73
N ILE A 235 18.60 -6.20 -14.51
CA ILE A 235 18.91 -5.33 -13.38
C ILE A 235 20.40 -5.56 -13.06
N MET A 236 21.09 -4.51 -12.59
CA MET A 236 22.51 -4.63 -12.28
CA MET A 236 22.52 -4.56 -12.27
C MET A 236 22.75 -4.68 -10.77
N ARG A 237 23.63 -5.58 -10.37
CA ARG A 237 24.00 -5.71 -8.95
C ARG A 237 24.82 -4.49 -8.57
N PRO A 238 24.43 -3.77 -7.50
CA PRO A 238 25.22 -2.59 -7.10
C PRO A 238 26.66 -2.95 -6.74
N GLU A 239 27.57 -2.01 -7.00
CA GLU A 239 28.98 -2.20 -6.64
C GLU A 239 29.13 -2.32 -5.14
N GLY B 30 15.89 0.99 9.06
CA GLY B 30 16.02 -0.43 8.68
C GLY B 30 14.69 -1.14 8.50
N THR B 31 13.62 -0.39 8.31
CA THR B 31 12.29 -1.00 8.14
C THR B 31 12.08 -1.32 6.69
N ILE B 32 11.65 -2.55 6.43
CA ILE B 32 11.16 -2.95 5.14
C ILE B 32 9.75 -3.46 5.31
N LEU B 33 8.93 -3.18 4.30
CA LEU B 33 7.53 -3.54 4.27
C LEU B 33 7.32 -4.59 3.19
N ILE B 34 6.77 -5.73 3.59
CA ILE B 34 6.53 -6.85 2.69
C ILE B 34 5.03 -7.02 2.48
N ASP B 35 4.59 -6.90 1.23
CA ASP B 35 3.17 -7.08 0.91
C ASP B 35 2.72 -8.50 1.12
N LEU B 36 1.57 -8.66 1.76
CA LEU B 36 0.93 -9.96 1.83
C LEU B 36 -0.06 -10.11 0.70
N SER B 37 -0.09 -11.30 0.12
CA SER B 37 -1.06 -11.63 -0.90
C SER B 37 -2.44 -11.83 -0.31
N PRO B 38 -3.48 -11.31 -0.95
CA PRO B 38 -4.86 -11.62 -0.53
C PRO B 38 -5.18 -13.12 -0.52
N ASP B 39 -4.41 -13.91 -1.27
CA ASP B 39 -4.59 -15.37 -1.30
C ASP B 39 -3.89 -16.11 -0.15
N ASP B 40 -3.14 -15.37 0.65
CA ASP B 40 -2.35 -15.88 1.78
C ASP B 40 -3.27 -15.93 3.02
N LYS B 41 -3.23 -17.04 3.75
CA LYS B 41 -4.00 -17.18 4.98
C LYS B 41 -3.72 -16.07 6.00
N GLU B 42 -2.48 -15.58 6.01
CA GLU B 42 -2.11 -14.51 6.95
C GLU B 42 -2.85 -13.22 6.64
N PHE B 43 -2.90 -12.82 5.38
CA PHE B 43 -3.70 -11.65 4.95
C PHE B 43 -5.16 -11.84 5.39
N GLN B 44 -5.70 -13.03 5.11
CA GLN B 44 -7.09 -13.33 5.36
C GLN B 44 -7.40 -13.25 6.85
N SER B 45 -6.45 -13.67 7.67
CA SER B 45 -6.62 -13.67 9.12
C SER B 45 -6.68 -12.25 9.67
N VAL B 46 -5.74 -11.42 9.22
CA VAL B 46 -5.71 -10.03 9.63
C VAL B 46 -6.96 -9.29 9.16
N GLU B 47 -7.37 -9.50 7.91
CA GLU B 47 -8.60 -8.88 7.44
C GLU B 47 -9.78 -9.31 8.30
N GLU B 48 -9.87 -10.59 8.67
CA GLU B 48 -11.02 -11.03 9.45
C GLU B 48 -10.99 -10.38 10.84
N GLU B 49 -9.82 -10.23 11.43
CA GLU B 49 -9.74 -9.55 12.72
CA GLU B 49 -9.68 -9.52 12.72
C GLU B 49 -10.18 -8.08 12.59
N MET B 50 -9.81 -7.41 11.49
CA MET B 50 -10.30 -6.03 11.22
CA MET B 50 -10.30 -6.05 11.32
C MET B 50 -11.82 -5.97 11.14
N GLN B 51 -12.37 -6.79 10.23
CA GLN B 51 -13.81 -6.74 9.90
C GLN B 51 -14.69 -7.18 11.08
N SER B 52 -14.25 -8.22 11.77
CA SER B 52 -15.06 -8.82 12.83
C SER B 52 -15.09 -8.00 14.10
N THR B 53 -14.20 -7.01 14.23
CA THR B 53 -14.19 -6.18 15.44
C THR B 53 -14.67 -4.74 15.21
N VAL B 54 -15.37 -4.51 14.10
CA VAL B 54 -16.09 -3.27 13.94
C VAL B 54 -17.27 -3.32 14.88
N ARG B 55 -17.55 -2.22 15.55
CA ARG B 55 -18.77 -2.04 16.30
C ARG B 55 -19.34 -0.65 16.07
N GLU B 56 -20.56 -0.45 16.54
CA GLU B 56 -21.14 0.89 16.61
C GLU B 56 -20.51 1.69 17.75
N HIS B 57 -20.40 2.99 17.55
CA HIS B 57 -19.81 3.89 18.51
C HIS B 57 -20.85 4.87 19.00
N ARG B 58 -20.76 5.21 20.27
CA ARG B 58 -21.71 6.09 20.95
C ARG B 58 -21.77 7.51 20.41
N ASP B 59 -20.75 7.92 19.65
CA ASP B 59 -20.72 9.22 18.98
C ASP B 59 -21.47 9.26 17.64
N GLY B 60 -22.13 8.17 17.30
CA GLY B 60 -22.89 8.06 16.06
C GLY B 60 -22.04 8.12 14.81
N GLY B 61 -20.72 7.95 14.97
CA GLY B 61 -19.80 8.02 13.85
C GLY B 61 -19.03 9.32 13.77
N HIS B 62 -19.26 10.23 14.72
CA HIS B 62 -18.61 11.54 14.66
C HIS B 62 -17.08 11.49 14.45
N ALA B 63 -16.37 10.71 15.26
CA ALA B 63 -14.91 10.68 15.21
C ALA B 63 -14.38 9.87 14.03
N GLY B 64 -14.92 8.67 13.85
CA GLY B 64 -14.35 7.72 12.88
C GLY B 64 -15.10 7.52 11.58
N GLY B 65 -16.33 8.03 11.51
CA GLY B 65 -17.17 7.81 10.35
C GLY B 65 -18.28 6.80 10.54
N ILE B 66 -19.19 6.77 9.58
CA ILE B 66 -20.33 5.84 9.60
C ILE B 66 -20.01 4.68 8.65
N PHE B 67 -19.86 3.49 9.24
CA PHE B 67 -19.59 2.27 8.51
C PHE B 67 -19.79 1.03 9.36
N ASN B 68 -20.04 -0.08 8.65
CA ASN B 68 -20.11 -1.40 9.27
C ASN B 68 -18.98 -2.32 8.86
N ARG B 69 -18.22 -1.94 7.83
CA ARG B 69 -17.16 -2.78 7.31
C ARG B 69 -16.16 -1.91 6.54
N TYR B 70 -15.01 -2.50 6.24
CA TYR B 70 -13.95 -1.87 5.50
C TYR B 70 -13.74 -2.50 4.13
N ASN B 71 -13.15 -1.70 3.25
CA ASN B 71 -12.50 -2.21 2.04
C ASN B 71 -11.01 -2.27 2.33
N ILE B 72 -10.45 -3.46 2.51
CA ILE B 72 -9.04 -3.62 2.79
C ILE B 72 -8.31 -3.55 1.46
N LEU B 73 -7.36 -2.64 1.36
CA LEU B 73 -6.61 -2.39 0.12
C LEU B 73 -5.24 -3.05 0.11
N LYS B 74 -4.59 -3.11 1.27
CA LYS B 74 -3.26 -3.66 1.38
C LYS B 74 -2.96 -4.05 2.83
N ILE B 75 -2.22 -5.14 3.01
CA ILE B 75 -1.70 -5.51 4.32
C ILE B 75 -0.21 -5.81 4.15
N GLN B 76 0.63 -5.10 4.90
CA GLN B 76 2.09 -5.25 4.83
C GLN B 76 2.63 -5.70 6.17
N LYS B 77 3.58 -6.65 6.12
CA LYS B 77 4.41 -7.00 7.28
C LYS B 77 5.51 -5.97 7.45
N VAL B 78 5.65 -5.48 8.67
CA VAL B 78 6.69 -4.52 9.03
C VAL B 78 7.88 -5.27 9.61
N CYS B 79 9.03 -5.13 8.97
CA CYS B 79 10.20 -5.90 9.33
C CYS B 79 11.34 -4.97 9.67
N ASN B 80 11.71 -4.93 10.94
CA ASN B 80 12.82 -4.10 11.39
C ASN B 80 13.51 -4.85 12.51
N LYS B 81 14.75 -5.26 12.25
CA LYS B 81 15.51 -6.15 13.13
C LYS B 81 15.81 -5.46 14.45
N LYS B 82 16.26 -4.21 14.38
CA LYS B 82 16.56 -3.43 15.59
C LYS B 82 15.31 -3.21 16.48
N LEU B 83 14.20 -2.83 15.86
CA LEU B 83 12.95 -2.66 16.61
C LEU B 83 12.44 -3.96 17.19
N TRP B 84 12.56 -5.05 16.44
CA TRP B 84 12.13 -6.37 16.90
C TRP B 84 12.91 -6.82 18.13
N GLU B 85 14.22 -6.68 18.06
CA GLU B 85 15.09 -7.08 19.17
C GLU B 85 14.84 -6.24 20.42
N ARG B 86 14.56 -4.95 20.24
CA ARG B 86 14.17 -4.05 21.32
C ARG B 86 12.86 -4.53 21.96
N TYR B 87 11.90 -4.88 21.12
CA TYR B 87 10.65 -5.50 21.61
C TYR B 87 10.89 -6.82 22.38
N THR B 88 11.64 -7.77 21.82
CA THR B 88 11.80 -9.09 22.44
C THR B 88 12.67 -9.03 23.71
N HIS B 89 13.57 -8.06 23.78
CA HIS B 89 14.34 -7.84 24.99
C HIS B 89 13.42 -7.40 26.14
N ARG B 90 12.53 -6.46 25.86
CA ARG B 90 11.59 -5.99 26.87
C ARG B 90 10.59 -7.09 27.22
N ARG B 91 10.14 -7.85 26.22
CA ARG B 91 9.16 -8.91 26.46
C ARG B 91 9.73 -9.93 27.46
N LYS B 92 11.01 -10.25 27.31
CA LYS B 92 11.68 -11.22 28.18
C LYS B 92 11.79 -10.69 29.61
N GLU B 93 12.13 -9.41 29.73
CA GLU B 93 12.13 -8.72 31.04
C GLU B 93 10.76 -8.82 31.71
N VAL B 94 9.71 -8.40 30.98
CA VAL B 94 8.36 -8.45 31.51
C VAL B 94 7.93 -9.89 31.83
N SER B 95 8.22 -10.83 30.93
CA SER B 95 7.84 -12.22 31.14
C SER B 95 8.45 -12.75 32.44
N GLU B 96 9.72 -12.50 32.65
CA GLU B 96 10.39 -12.97 33.88
C GLU B 96 9.82 -12.32 35.14
N GLU B 97 9.52 -11.02 35.09
CA GLU B 97 8.88 -10.31 36.21
C GLU B 97 7.48 -10.83 36.50
N ASN B 98 6.77 -11.28 35.48
CA ASN B 98 5.41 -11.80 35.63
C ASN B 98 5.41 -13.34 35.63
N HIS B 99 6.47 -13.94 36.17
CA HIS B 99 6.50 -15.38 36.42
C HIS B 99 6.31 -16.20 35.15
N ASN B 100 7.13 -15.83 34.16
CA ASN B 100 7.21 -16.50 32.86
CA ASN B 100 7.22 -16.48 32.86
C ASN B 100 5.92 -16.38 32.04
N HIS B 101 5.31 -15.20 32.08
CA HIS B 101 4.08 -14.95 31.30
C HIS B 101 4.12 -13.53 30.71
N ALA B 102 4.42 -13.44 29.41
CA ALA B 102 4.42 -12.15 28.71
C ALA B 102 3.04 -11.51 28.61
N ASN B 103 1.99 -12.34 28.52
CA ASN B 103 0.63 -11.88 28.29
C ASN B 103 0.59 -11.03 27.02
N GLU B 104 1.05 -11.65 25.94
CA GLU B 104 1.20 -10.98 24.65
C GLU B 104 -0.08 -11.09 23.84
N ARG B 105 -0.51 -9.95 23.30
CA ARG B 105 -1.73 -9.83 22.51
C ARG B 105 -1.43 -9.24 21.15
N MET B 106 -2.35 -9.44 20.21
CA MET B 106 -2.40 -8.64 18.96
C MET B 106 -3.55 -7.65 19.07
N LEU B 107 -3.23 -6.37 18.89
CA LEU B 107 -4.16 -5.26 19.13
C LEU B 107 -3.97 -4.16 18.10
N PHE B 108 -5.06 -3.44 17.83
CA PHE B 108 -5.02 -2.34 16.88
C PHE B 108 -4.47 -1.05 17.48
N HIS B 109 -3.88 -0.23 16.61
CA HIS B 109 -3.44 1.13 16.93
C HIS B 109 -3.67 2.06 15.75
N GLY B 110 -4.39 3.15 15.98
CA GLY B 110 -4.59 4.17 14.98
C GLY B 110 -3.94 5.44 15.45
N SER B 111 -3.32 6.18 14.54
CA SER B 111 -2.56 7.37 14.92
C SER B 111 -2.14 8.18 13.72
N PRO B 112 -2.16 9.53 13.82
CA PRO B 112 -1.53 10.34 12.77
C PRO B 112 -0.04 10.02 12.56
N PHE B 113 0.61 9.42 13.55
CA PHE B 113 2.06 9.15 13.48
C PHE B 113 2.43 7.75 12.98
N VAL B 114 1.49 7.03 12.35
CA VAL B 114 1.77 5.66 11.92
CA VAL B 114 1.74 5.66 11.86
C VAL B 114 3.02 5.55 11.05
N ASN B 115 3.25 6.54 10.17
CA ASN B 115 4.43 6.50 9.30
C ASN B 115 5.73 6.59 10.11
N ALA B 116 5.73 7.41 11.16
CA ALA B 116 6.87 7.48 12.09
C ALA B 116 7.04 6.20 12.90
N ILE B 117 5.94 5.64 13.39
CA ILE B 117 6.02 4.47 14.23
C ILE B 117 6.67 3.28 13.52
N ILE B 118 6.34 3.04 12.26
CA ILE B 118 6.86 1.84 11.58
C ILE B 118 8.37 1.97 11.31
N HIS B 119 8.89 3.18 11.30
CA HIS B 119 10.32 3.43 11.06
C HIS B 119 11.15 3.54 12.31
N LYS B 120 10.58 4.17 13.34
CA LYS B 120 11.33 4.54 14.54
C LYS B 120 10.86 3.80 15.77
N GLY B 121 9.72 3.11 15.68
CA GLY B 121 9.15 2.37 16.80
C GLY B 121 8.25 3.25 17.64
N PHE B 122 7.59 2.65 18.63
CA PHE B 122 6.81 3.43 19.58
C PHE B 122 7.72 4.08 20.64
N ASP B 123 7.36 5.29 21.05
CA ASP B 123 7.99 5.95 22.19
C ASP B 123 7.02 6.99 22.76
N GLU B 124 7.47 7.75 23.76
CA GLU B 124 6.59 8.72 24.45
C GLU B 124 5.87 9.71 23.53
N ARG B 125 6.45 10.00 22.37
CA ARG B 125 5.80 10.91 21.41
C ARG B 125 4.43 10.38 20.92
N HIS B 126 4.24 9.07 21.04
CA HIS B 126 3.04 8.39 20.51
C HIS B 126 1.99 8.12 21.56
N ALA B 127 2.27 8.58 22.78
CA ALA B 127 1.34 8.49 23.90
C ALA B 127 0.15 9.45 23.80
N TYR B 128 -0.95 9.04 24.40
CA TYR B 128 -2.18 9.83 24.49
C TYR B 128 -2.16 10.44 25.87
N ILE B 129 -1.72 11.69 25.95
CA ILE B 129 -1.48 12.31 27.24
C ILE B 129 -2.76 12.37 28.07
N GLY B 130 -3.87 12.76 27.44
CA GLY B 130 -5.15 12.90 28.13
C GLY B 130 -6.04 11.67 28.12
N GLY B 131 -5.47 10.49 27.90
CA GLY B 131 -6.27 9.27 27.90
C GLY B 131 -6.81 8.95 29.30
N MET B 132 -7.92 8.24 29.34
CA MET B 132 -8.62 8.00 30.61
C MET B 132 -7.84 7.12 31.60
N PHE B 133 -6.85 6.37 31.11
CA PHE B 133 -6.02 5.54 31.98
C PHE B 133 -4.59 6.05 32.08
N GLY B 134 -4.44 7.35 31.88
CA GLY B 134 -3.17 8.01 32.05
C GLY B 134 -2.43 8.18 30.75
N ALA B 135 -1.35 8.94 30.82
CA ALA B 135 -0.49 9.21 29.68
C ALA B 135 0.31 7.96 29.32
N GLY B 136 -0.18 7.24 28.32
CA GLY B 136 0.50 6.04 27.86
C GLY B 136 0.09 5.79 26.41
N ILE B 137 0.52 4.68 25.85
CA ILE B 137 0.20 4.34 24.47
C ILE B 137 -0.98 3.37 24.46
N TYR B 138 -2.02 3.71 23.72
CA TYR B 138 -3.30 3.03 23.79
C TYR B 138 -3.51 2.11 22.60
N PHE B 139 -4.12 0.94 22.87
CA PHE B 139 -4.41 -0.07 21.86
C PHE B 139 -5.82 -0.58 22.06
N ALA B 140 -6.45 -1.04 20.98
CA ALA B 140 -7.83 -1.50 21.03
C ALA B 140 -8.03 -2.89 20.49
N GLU B 141 -8.94 -3.63 21.11
CA GLU B 141 -9.48 -4.85 20.52
C GLU B 141 -10.44 -4.57 19.36
N ASN B 142 -11.21 -3.47 19.44
CA ASN B 142 -12.08 -3.08 18.33
C ASN B 142 -11.27 -2.30 17.29
N SER B 143 -11.16 -2.82 16.07
CA SER B 143 -10.55 -2.05 14.99
C SER B 143 -11.19 -0.68 14.83
N SER B 144 -12.53 -0.60 14.98
CA SER B 144 -13.24 0.64 14.77
C SER B 144 -12.93 1.66 15.85
N LYS B 145 -12.48 1.22 17.04
CA LYS B 145 -12.03 2.17 18.08
C LYS B 145 -10.74 2.86 17.61
N SER B 146 -9.77 2.06 17.17
CA SER B 146 -8.52 2.62 16.63
C SER B 146 -8.75 3.50 15.40
N ASN B 147 -9.74 3.15 14.58
CA ASN B 147 -10.12 3.96 13.43
C ASN B 147 -10.50 5.41 13.82
N GLN B 148 -11.05 5.58 15.03
CA GLN B 148 -11.37 6.92 15.54
C GLN B 148 -10.17 7.86 15.73
N TYR B 149 -8.95 7.34 15.68
CA TYR B 149 -7.72 8.08 15.97
C TYR B 149 -6.82 8.25 14.75
N VAL B 150 -7.24 7.72 13.60
CA VAL B 150 -6.43 7.78 12.39
C VAL B 150 -6.11 9.22 11.96
N TYR B 151 -7.08 10.11 12.13
CA TYR B 151 -6.92 11.53 11.79
C TYR B 151 -6.74 12.41 13.03
N GLY B 152 -6.43 11.76 14.16
CA GLY B 152 -6.11 12.44 15.42
C GLY B 152 -7.18 12.18 16.47
N ILE B 153 -6.95 12.73 17.65
CA ILE B 153 -7.90 12.60 18.74
C ILE B 153 -9.27 13.16 18.33
N GLY B 154 -10.33 12.38 18.55
CA GLY B 154 -11.66 12.82 18.14
C GLY B 154 -11.88 12.81 16.65
N GLY B 155 -10.94 12.18 15.92
CA GLY B 155 -10.93 12.22 14.47
C GLY B 155 -10.40 13.53 13.89
N GLY B 156 -9.89 14.42 14.74
CA GLY B 156 -9.38 15.70 14.28
C GLY B 156 -10.36 16.38 13.36
N THR B 157 -9.87 16.87 12.22
CA THR B 157 -10.71 17.48 11.21
C THR B 157 -10.96 16.54 10.02
N GLY B 158 -10.69 15.25 10.19
CA GLY B 158 -10.97 14.27 9.17
C GLY B 158 -9.83 14.21 8.16
N CYS B 159 -10.12 13.67 6.99
CA CYS B 159 -9.09 13.44 5.99
C CYS B 159 -8.53 14.78 5.55
N PRO B 160 -7.25 14.81 5.18
CA PRO B 160 -6.65 16.06 4.69
C PRO B 160 -7.31 16.66 3.46
N VAL B 161 -7.73 15.82 2.51
CA VAL B 161 -8.25 16.31 1.23
C VAL B 161 -9.63 16.93 1.32
N HIS B 162 -10.54 16.28 2.08
CA HIS B 162 -11.95 16.65 2.11
C HIS B 162 -12.39 17.18 3.48
N LYS B 163 -11.50 17.14 4.46
CA LYS B 163 -11.85 17.49 5.84
C LYS B 163 -13.10 16.76 6.32
N ASP B 164 -13.13 15.45 6.08
CA ASP B 164 -14.32 14.63 6.31
C ASP B 164 -13.93 13.44 7.20
N ARG B 165 -14.40 13.42 8.45
CA ARG B 165 -14.11 12.30 9.34
C ARG B 165 -14.76 11.00 8.87
N SER B 166 -15.80 11.10 8.01
CA SER B 166 -16.43 9.93 7.44
C SER B 166 -16.07 9.72 5.96
N CYS B 167 -14.89 10.20 5.55
CA CYS B 167 -14.52 10.08 4.14
C CYS B 167 -14.47 8.62 3.70
N TYR B 168 -15.14 8.33 2.57
CA TYR B 168 -15.21 7.00 1.97
C TYR B 168 -14.22 6.88 0.81
N ILE B 169 -13.56 7.98 0.48
CA ILE B 169 -12.64 8.02 -0.68
C ILE B 169 -11.19 7.82 -0.25
N CYS B 170 -10.75 8.62 0.72
CA CYS B 170 -9.37 8.64 1.11
C CYS B 170 -8.94 7.36 1.81
N HIS B 171 -7.73 6.89 1.47
CA HIS B 171 -7.12 5.71 2.09
C HIS B 171 -6.61 5.98 3.48
N ARG B 172 -6.94 5.08 4.40
CA ARG B 172 -6.53 5.18 5.79
C ARG B 172 -5.54 4.08 6.12
N GLN B 173 -4.77 4.26 7.18
CA GLN B 173 -3.90 3.23 7.68
C GLN B 173 -4.08 2.98 9.18
N LEU B 174 -4.07 1.69 9.56
CA LEU B 174 -4.06 1.22 10.96
C LEU B 174 -2.87 0.30 11.15
N LEU B 175 -2.41 0.15 12.39
CA LEU B 175 -1.46 -0.87 12.73
C LEU B 175 -2.14 -1.99 13.50
N PHE B 176 -1.70 -3.22 13.26
CA PHE B 176 -2.12 -4.38 14.09
C PHE B 176 -0.81 -4.86 14.71
N CYS B 177 -0.72 -4.71 16.03
CA CYS B 177 0.54 -4.75 16.75
C CYS B 177 0.63 -5.88 17.77
N ARG B 178 1.85 -6.39 17.95
CA ARG B 178 2.15 -7.29 19.04
CA ARG B 178 2.20 -7.28 19.05
C ARG B 178 2.42 -6.45 20.29
N VAL B 179 1.69 -6.75 21.38
CA VAL B 179 1.73 -5.94 22.58
C VAL B 179 1.92 -6.84 23.80
N THR B 180 2.93 -6.51 24.60
CA THR B 180 3.23 -7.26 25.83
C THR B 180 2.52 -6.57 26.99
N LEU B 181 1.54 -7.25 27.59
CA LEU B 181 0.78 -6.64 28.69
C LEU B 181 1.36 -6.95 30.08
N GLY B 182 2.07 -8.06 30.19
CA GLY B 182 2.54 -8.56 31.49
C GLY B 182 1.38 -8.67 32.47
N LYS B 183 1.65 -8.31 33.72
CA LYS B 183 0.63 -8.18 34.73
C LYS B 183 -0.15 -6.90 34.46
N SER B 184 -1.42 -7.06 34.07
CA SER B 184 -2.22 -5.94 33.64
C SER B 184 -3.21 -5.53 34.73
N PHE B 185 -3.25 -4.24 35.03
CA PHE B 185 -4.17 -3.72 36.03
C PHE B 185 -5.52 -3.57 35.39
N LEU B 186 -6.50 -4.30 35.92
CA LEU B 186 -7.86 -4.21 35.42
C LEU B 186 -8.59 -2.97 35.94
N GLN B 187 -8.99 -2.12 35.01
CA GLN B 187 -9.75 -0.93 35.32
C GLN B 187 -11.06 -0.98 34.57
N PHE B 188 -12.17 -1.16 35.28
CA PHE B 188 -13.48 -1.06 34.65
C PHE B 188 -13.75 0.40 34.32
N SER B 189 -14.36 0.62 33.16
CA SER B 189 -14.62 1.97 32.66
C SER B 189 -16.10 2.16 32.51
N ALA B 190 -16.55 3.41 32.66
CA ALA B 190 -17.96 3.70 32.58
C ALA B 190 -18.46 3.77 31.13
N MET B 191 -17.57 3.57 30.16
CA MET B 191 -17.96 3.55 28.76
C MET B 191 -18.69 2.23 28.43
N LYS B 192 -19.38 2.11 27.42
N MET B 193 4.98 10.77 29.68
CA MET B 193 4.40 9.41 29.80
C MET B 193 4.40 8.92 31.26
N ALA B 194 3.23 8.49 31.74
CA ALA B 194 3.06 8.05 33.12
C ALA B 194 3.77 6.72 33.34
N HIS B 195 3.69 6.20 34.57
CA HIS B 195 4.24 4.89 34.87
C HIS B 195 3.11 3.92 35.10
N SER B 196 3.38 2.63 34.89
CA SER B 196 2.40 1.60 35.17
C SER B 196 2.05 1.64 36.66
N PRO B 197 0.84 1.18 37.01
CA PRO B 197 0.52 0.93 38.41
C PRO B 197 1.60 0.07 39.06
N PRO B 198 1.97 0.37 40.32
CA PRO B 198 2.95 -0.45 41.01
C PRO B 198 2.70 -1.96 40.89
N GLY B 199 3.75 -2.68 40.46
CA GLY B 199 3.68 -4.13 40.34
C GLY B 199 3.02 -4.60 39.04
N HIS B 200 2.65 -3.66 38.18
CA HIS B 200 1.98 -3.99 36.93
C HIS B 200 2.75 -3.46 35.72
N HIS B 201 2.42 -3.97 34.54
CA HIS B 201 3.13 -3.59 33.31
C HIS B 201 2.23 -2.90 32.25
N SER B 202 0.95 -2.80 32.56
CA SER B 202 -0.03 -2.24 31.65
C SER B 202 -1.34 -2.07 32.39
N VAL B 203 -2.28 -1.41 31.72
CA VAL B 203 -3.65 -1.25 32.20
C VAL B 203 -4.61 -1.81 31.17
N THR B 204 -5.58 -2.57 31.67
CA THR B 204 -6.70 -3.05 30.86
C THR B 204 -7.91 -2.19 31.19
N GLY B 205 -8.36 -1.42 30.20
CA GLY B 205 -9.54 -0.59 30.33
C GLY B 205 -10.70 -1.37 29.80
N ARG B 206 -11.62 -1.75 30.67
CA ARG B 206 -12.71 -2.63 30.23
C ARG B 206 -14.07 -1.98 30.33
N PRO B 207 -14.68 -1.68 29.17
CA PRO B 207 -16.00 -1.05 29.23
C PRO B 207 -17.03 -1.87 30.02
N SER B 208 -17.73 -1.25 30.97
CA SER B 208 -18.73 -1.95 31.77
C SER B 208 -20.17 -1.53 31.47
N VAL B 209 -20.37 -0.53 30.61
CA VAL B 209 -21.73 -0.12 30.25
C VAL B 209 -22.15 -0.65 28.88
N ASN B 210 -21.31 -0.44 27.87
CA ASN B 210 -21.58 -0.97 26.55
C ASN B 210 -21.07 -2.39 26.48
N GLY B 211 -22.01 -3.34 26.49
CA GLY B 211 -21.70 -4.75 26.55
C GLY B 211 -21.07 -5.30 25.28
N LEU B 212 -21.13 -4.53 24.20
CA LEU B 212 -20.51 -4.94 22.96
C LEU B 212 -19.16 -4.28 22.71
N ALA B 213 -18.75 -3.38 23.59
CA ALA B 213 -17.46 -2.72 23.44
C ALA B 213 -16.37 -3.57 24.03
N LEU B 214 -15.31 -3.80 23.25
CA LEU B 214 -14.20 -4.61 23.70
C LEU B 214 -13.19 -3.75 24.48
N ALA B 215 -12.17 -4.41 25.02
CA ALA B 215 -11.21 -3.76 25.90
C ALA B 215 -10.24 -2.85 25.15
N GLU B 216 -9.69 -1.91 25.89
CA GLU B 216 -8.62 -1.04 25.45
C GLU B 216 -7.48 -1.26 26.41
N TYR B 217 -6.25 -1.10 25.95
CA TYR B 217 -5.09 -1.41 26.76
C TYR B 217 -4.10 -0.27 26.66
N VAL B 218 -3.41 -0.02 27.77
CA VAL B 218 -2.41 1.04 27.84
C VAL B 218 -1.06 0.44 28.32
N ILE B 219 0.00 0.77 27.58
CA ILE B 219 1.38 0.49 28.01
C ILE B 219 2.09 1.81 28.22
N TYR B 220 3.14 1.79 29.04
CA TYR B 220 3.84 2.99 29.45
C TYR B 220 5.31 2.97 29.04
N ARG B 221 5.69 1.99 28.23
CA ARG B 221 7.03 1.87 27.64
C ARG B 221 6.77 1.49 26.18
N GLY B 222 7.33 2.27 25.25
CA GLY B 222 7.23 1.95 23.83
C GLY B 222 7.81 0.61 23.40
N GLU B 223 8.79 0.10 24.15
CA GLU B 223 9.39 -1.20 23.84
C GLU B 223 8.46 -2.40 24.08
N GLN B 224 7.30 -2.17 24.70
CA GLN B 224 6.31 -3.22 24.91
C GLN B 224 5.34 -3.39 23.75
N ALA B 225 5.57 -2.72 22.62
CA ALA B 225 4.79 -3.00 21.40
C ALA B 225 5.66 -3.03 20.16
N TYR B 226 5.26 -3.87 19.20
CA TYR B 226 5.92 -3.93 17.91
C TYR B 226 4.85 -3.76 16.82
N PRO B 227 5.06 -2.84 15.87
CA PRO B 227 4.06 -2.57 14.82
C PRO B 227 4.11 -3.60 13.70
N GLU B 228 3.53 -4.75 13.94
CA GLU B 228 3.75 -5.90 13.07
C GLU B 228 3.10 -5.83 11.68
N TYR B 229 1.88 -5.30 11.59
CA TYR B 229 1.18 -5.21 10.31
C TYR B 229 0.71 -3.80 10.08
N LEU B 230 0.92 -3.30 8.85
CA LEU B 230 0.41 -2.02 8.40
C LEU B 230 -0.72 -2.29 7.40
N ILE B 231 -1.91 -1.81 7.74
CA ILE B 231 -3.12 -2.11 6.99
C ILE B 231 -3.66 -0.84 6.35
N THR B 232 -3.80 -0.85 5.03
CA THR B 232 -4.33 0.27 4.27
C THR B 232 -5.73 -0.07 3.84
N TYR B 233 -6.67 0.86 4.07
CA TYR B 233 -8.09 0.56 3.93
C TYR B 233 -8.95 1.81 3.70
N GLN B 234 -10.18 1.57 3.27
CA GLN B 234 -11.24 2.58 3.29
C GLN B 234 -12.37 2.08 4.18
N ILE B 235 -13.06 3.00 4.85
CA ILE B 235 -14.35 2.67 5.43
C ILE B 235 -15.37 2.64 4.29
N MET B 236 -16.36 1.77 4.41
CA MET B 236 -17.37 1.60 3.38
CA MET B 236 -17.38 1.56 3.39
C MET B 236 -18.71 2.22 3.80
N ARG B 237 -19.32 2.96 2.87
CA ARG B 237 -20.64 3.57 3.13
C ARG B 237 -21.71 2.47 3.20
N PRO B 238 -22.48 2.42 4.30
CA PRO B 238 -23.52 1.37 4.40
C PRO B 238 -24.52 1.49 3.24
N GLU B 239 -24.95 0.36 2.70
CA GLU B 239 -25.91 0.34 1.58
C GLU B 239 -27.31 0.70 2.04
OAD F38 C . -2.72 -10.90 -14.66
OAD F38 C . -0.26 -10.41 -15.07
OAB F38 C . -1.83 -9.04 -15.84
OAB F38 C . -1.89 -11.55 -13.84
CAF F38 C . 0.21 -7.47 -14.31
CAF F38 C . -0.37 -7.14 -14.59
CAG F38 C . 0.76 -6.20 -14.17
CAG F38 C . 0.37 -5.97 -14.36
CAJ F38 C . -0.77 -7.26 -12.12
CAJ F38 C . -0.95 -7.22 -12.27
CAI F38 C . -0.22 -5.99 -11.99
CAI F38 C . -0.22 -6.06 -12.04
CAH F38 C . 0.57 -5.46 -13.00
CAH F38 C . 0.47 -5.45 -13.08
CAK F38 C . 1.12 -4.09 -12.86
CAK F38 C . 1.18 -4.18 -12.81
CAT F38 C . 1.19 -2.10 -11.59
CAT F38 C . 1.28 -2.32 -11.40
CAS F38 C . 0.82 -1.33 -10.50
CAS F38 C . 0.86 -1.60 -10.29
CAR F38 C . 1.29 -0.05 -10.37
CAR F38 C . 1.44 -0.38 -10.00
CAQ F38 C . 2.17 0.50 -11.30
CAQ F38 C . 2.43 0.17 -10.82
CAP F38 C . 2.57 -0.23 -12.43
CAP F38 C . 2.88 -0.54 -11.95
CAO F38 C . 2.10 -1.52 -12.59
CAO F38 C . 2.32 -1.75 -12.26
CAM F38 C . 2.48 -2.38 -13.74
CAM F38 C . 2.76 -2.54 -13.43
N10 F38 C . -3.64 -8.72 -14.18
N10 F38 C . 0.10 -10.64 -12.65
N1 F38 C . 1.97 -3.61 -13.80
N1 F38 C . 2.15 -3.72 -13.64
OAN F38 C . 3.26 -1.97 -14.63
OAN F38 C . 3.66 -2.13 -14.19
N F38 C . 0.74 -3.37 -11.78
N F38 C . 0.75 -3.51 -11.72
C F38 C . -1.18 -9.39 -13.37
C F38 C . -1.84 -9.03 -13.72
S F38 C . -2.33 -9.52 -14.57
S F38 C . -0.96 -10.44 -13.82
C1 F38 C . -0.57 -8.01 -13.28
C1 F38 C . -1.01 -7.77 -13.53
ZN ZN D . 17.30 -16.05 -13.38
C1 GOL E . -1.30 1.52 -6.45
O1 GOL E . -1.05 1.78 -7.84
C2 GOL E . -0.53 0.28 -6.00
O2 GOL E . 0.89 0.47 -6.18
C3 GOL E . -1.03 -0.93 -6.80
O3 GOL E . -2.19 -1.47 -6.14
C1 GOL F . 4.21 12.75 -0.27
O1 GOL F . 4.95 11.81 -1.08
C2 GOL F . 4.88 14.13 -0.30
O2 GOL F . 4.01 15.20 0.15
C3 GOL F . 6.09 14.10 0.64
O3 GOL F . 5.97 12.95 1.48
S SO4 G . 6.87 1.06 -2.95
O1 SO4 G . 7.04 0.19 -4.12
O2 SO4 G . 6.10 0.41 -1.87
O3 SO4 G . 5.98 2.16 -3.38
O4 SO4 G . 8.15 1.66 -2.52
S SO4 H . 25.77 0.96 -9.00
O1 SO4 H . 26.16 2.17 -9.74
O2 SO4 H . 26.95 0.33 -8.35
O3 SO4 H . 25.16 -0.01 -9.94
O4 SO4 H . 24.80 1.33 -7.94
C1 PEG I . 1.96 1.22 -37.63
O1 PEG I . 2.78 0.21 -38.25
C2 PEG I . 2.21 1.28 -36.13
O2 PEG I . 3.12 2.34 -35.80
C3 PEG I . 3.35 2.46 -34.40
C4 PEG I . 3.07 3.88 -33.94
O4 PEG I . 4.06 4.28 -32.99
OAD F38 J . -0.22 12.72 19.80
OAD F38 J . -0.99 11.21 17.68
OAB F38 J . 0.06 10.41 19.41
OAB F38 J . -0.91 13.19 18.92
CAF F38 J . -3.98 9.95 20.49
CAF F38 J . -3.61 9.75 20.86
CAG F38 J . -4.65 8.75 20.72
CAG F38 J . -4.42 8.63 20.88
CAJ F38 J . -2.74 8.91 18.72
CAJ F38 J . -2.18 8.69 19.26
CAI F38 J . -3.41 7.72 18.95
CAI F38 J . -2.99 7.55 19.29
CAH F38 J . -4.38 7.62 19.95
CAH F38 J . -4.13 7.53 20.09
CAK F38 J . -5.08 6.32 20.19
CAK F38 J . -5.02 6.35 20.19
CAT F38 J . -6.57 5.05 21.52
CAT F38 J . -6.62 5.28 21.56
CAS F38 J . -7.43 4.93 22.61
CAS F38 J . -7.39 5.27 22.70
CAR F38 J . -8.05 3.71 22.84
CAR F38 J . -8.23 4.19 22.93
CAQ F38 J . -7.83 2.61 22.03
CAQ F38 J . -8.31 3.14 22.02
CAP F38 J . -7.00 2.68 20.93
CAP F38 J . -7.54 3.11 20.86
CAO F38 J . -6.34 3.87 20.65
CAO F38 J . -6.69 4.18 20.60
CAM F38 J . -5.43 4.06 19.51
CAM F38 J . -5.84 4.28 19.39
N10 F38 J . -1.04 11.15 21.51
N10 F38 J . -3.13 12.34 18.25
N1 F38 J . -4.85 5.28 19.36
N1 F38 J . -5.05 5.36 19.27
OAN F38 J . -5.20 3.13 18.69
OAN F38 J . -5.85 3.37 18.52
N F38 J . -5.91 6.22 21.25
N F38 J . -5.78 6.30 21.31
C F38 J . -2.29 11.34 19.22
C F38 J . -1.64 11.04 20.08
S F38 J . -0.80 11.42 19.96
S F38 J . -1.66 11.96 18.70
C1 F38 J . -3.02 10.04 19.49
C1 F38 J . -2.50 9.79 20.03
ZN ZN K . -11.10 12.39 1.90
C1 GOL L . -21.39 4.71 14.62
O1 GOL L . -20.35 3.74 14.79
C2 GOL L . -22.57 4.09 13.90
O2 GOL L . -23.79 4.76 14.24
C3 GOL L . -22.29 4.21 12.41
O3 GOL L . -21.12 3.45 12.08
S SO4 M . -17.35 4.72 22.05
O1 SO4 M . -16.61 3.80 22.94
O2 SO4 M . -17.70 5.87 22.91
O3 SO4 M . -18.61 4.05 21.61
O4 SO4 M . -16.49 5.04 20.93
S SO4 N . -23.28 -2.63 4.64
O1 SO4 N . -21.90 -2.11 4.40
O2 SO4 N . -23.25 -4.11 4.70
O3 SO4 N . -24.14 -2.18 3.52
O4 SO4 N . -23.84 -2.11 5.91
#